data_2OL1
#
_entry.id   2OL1
#
_cell.length_a   119.970
_cell.length_b   119.970
_cell.length_c   50.130
_cell.angle_alpha   90.00
_cell.angle_beta   90.00
_cell.angle_gamma   120.00
#
_symmetry.space_group_name_H-M   'P 65'
#
loop_
_entity.id
_entity.type
_entity.pdbx_description
1 polymer "Deoxyuridine 5'-triphosphate nucleotidohydrolase"
2 non-polymer 'CHLORIDE ION'
3 non-polymer "2'-DEOXYURIDINE 5'-MONOPHOSPHATE"
4 non-polymer 1,2-ETHANEDIOL
5 water water
#
_entity_poly.entity_id   1
_entity_poly.type   'polypeptide(L)'
_entity_poly.pdbx_seq_one_letter_code
;MFNMNINSPVRFVKETNRAKSPTRQSPGAAGYDLYSAYDYTIPPGERQLIKTDISMSMPKFCYGRIAPRSGLSLKGIDIG
GGVIDEDYRGNIGVILINNGKCTFNVNTGDRIAQLIYQRIYYPELEEVQSLDSTNRGDQGFGSTGLR
;
_entity_poly.pdbx_strand_id   A,B,C
#
loop_
_chem_comp.id
_chem_comp.type
_chem_comp.name
_chem_comp.formula
CL non-polymer 'CHLORIDE ION' 'Cl -1'
EDO non-polymer 1,2-ETHANEDIOL 'C2 H6 O2'
UMP non-polymer '2'-DEOXYURIDINE 5'-MONOPHOSPHATE' 'C9 H13 N2 O8 P'
#
# COMPACT_ATOMS: atom_id res chain seq x y z
N SER A 8 0.76 15.37 -20.70
CA SER A 8 -0.23 16.41 -20.42
C SER A 8 -0.45 16.58 -18.92
N PRO A 9 -0.79 17.81 -18.49
CA PRO A 9 -1.04 18.07 -17.07
C PRO A 9 -2.27 17.34 -16.55
N VAL A 10 -2.26 17.02 -15.26
CA VAL A 10 -3.42 16.46 -14.59
C VAL A 10 -4.31 17.61 -14.14
N ARG A 11 -5.55 17.63 -14.62
CA ARG A 11 -6.50 18.67 -14.26
C ARG A 11 -7.17 18.37 -12.92
N PHE A 12 -7.38 19.40 -12.13
CA PHE A 12 -8.12 19.26 -10.87
C PHE A 12 -9.08 20.43 -10.64
N VAL A 13 -10.14 20.17 -9.89
CA VAL A 13 -11.16 21.17 -9.56
C VAL A 13 -11.31 21.28 -8.05
N LYS A 14 -11.38 22.51 -7.56
CA LYS A 14 -11.73 22.78 -6.17
C LYS A 14 -13.25 22.84 -6.06
N GLU A 15 -13.83 21.92 -5.30
CA GLU A 15 -15.29 21.90 -5.10
C GLU A 15 -15.76 23.13 -4.31
N THR A 16 -14.99 23.50 -3.29
CA THR A 16 -15.19 24.75 -2.56
C THR A 16 -13.87 25.52 -2.47
N ASN A 17 -13.94 26.77 -1.98
CA ASN A 17 -12.75 27.57 -1.76
C ASN A 17 -11.94 27.14 -0.52
N ARG A 18 -12.45 26.13 0.19
CA ARG A 18 -11.79 25.59 1.38
C ARG A 18 -10.68 24.61 1.00
N ALA A 19 -10.73 24.13 -0.24
CA ALA A 19 -9.73 23.19 -0.75
C ALA A 19 -8.39 23.89 -0.99
N LYS A 20 -7.31 23.18 -0.69
CA LYS A 20 -5.97 23.66 -1.00
C LYS A 20 -5.41 22.81 -2.14
N SER A 21 -4.90 23.48 -3.18
CA SER A 21 -4.26 22.82 -4.31
C SER A 21 -3.12 21.93 -3.80
N PRO A 22 -3.10 20.65 -4.23
CA PRO A 22 -2.02 19.75 -3.80
C PRO A 22 -0.65 20.30 -4.16
N THR A 23 0.30 20.14 -3.25
CA THR A 23 1.63 20.76 -3.39
C THR A 23 2.76 19.73 -3.55
N ARG A 24 3.83 20.15 -4.22
CA ARG A 24 5.02 19.33 -4.40
C ARG A 24 6.24 20.17 -4.05
N GLN A 25 7.03 19.69 -3.09
CA GLN A 25 8.11 20.49 -2.49
C GLN A 25 9.48 20.26 -3.13
N SER A 26 9.74 19.04 -3.60
CA SER A 26 11.04 18.71 -4.18
C SER A 26 10.93 17.77 -5.38
N PRO A 27 11.93 17.80 -6.28
CA PRO A 27 11.94 16.94 -7.47
C PRO A 27 11.99 15.45 -7.14
N GLY A 28 12.37 15.11 -5.90
CA GLY A 28 12.52 13.72 -5.48
C GLY A 28 11.47 13.22 -4.51
N ALA A 29 10.43 14.03 -4.27
CA ALA A 29 9.29 13.62 -3.46
C ALA A 29 8.44 12.60 -4.22
N ALA A 30 7.95 11.58 -3.52
CA ALA A 30 7.13 10.54 -4.15
C ALA A 30 5.79 11.06 -4.64
N GLY A 31 5.24 12.03 -3.91
CA GLY A 31 3.88 12.45 -4.14
C GLY A 31 3.57 13.93 -3.95
N TYR A 32 2.28 14.19 -3.76
CA TYR A 32 1.75 15.53 -3.70
C TYR A 32 0.94 15.63 -2.43
N ASP A 33 1.17 16.69 -1.66
CA ASP A 33 0.52 16.86 -0.36
C ASP A 33 -0.99 17.03 -0.53
N LEU A 34 -1.75 16.34 0.30
CA LEU A 34 -3.20 16.54 0.37
C LEU A 34 -3.57 17.18 1.70
N TYR A 35 -4.55 18.07 1.65
CA TYR A 35 -4.94 18.85 2.81
C TYR A 35 -6.42 18.64 3.15
N SER A 36 -6.75 18.72 4.43
CA SER A 36 -8.14 18.69 4.86
C SER A 36 -8.83 19.99 4.50
N ALA A 37 -10.06 19.88 4.00
CA ALA A 37 -10.88 21.06 3.72
C ALA A 37 -11.77 21.42 4.91
N TYR A 38 -11.81 20.55 5.92
CA TYR A 38 -12.72 20.73 7.06
C TYR A 38 -12.09 20.37 8.41
N ASP A 39 -12.78 20.76 9.49
CA ASP A 39 -12.37 20.41 10.85
C ASP A 39 -12.97 19.07 11.25
N TYR A 40 -12.14 18.18 11.79
CA TYR A 40 -12.58 16.89 12.28
C TYR A 40 -11.90 16.57 13.60
N THR A 41 -12.52 15.70 14.38
CA THR A 41 -11.90 15.09 15.55
C THR A 41 -12.08 13.58 15.46
N ILE A 42 -11.00 12.83 15.68
CA ILE A 42 -11.04 11.38 15.54
C ILE A 42 -10.64 10.71 16.86
N PRO A 43 -11.61 10.04 17.52
CA PRO A 43 -11.31 9.35 18.78
C PRO A 43 -10.37 8.16 18.54
N PRO A 44 -9.65 7.71 19.60
CA PRO A 44 -8.79 6.53 19.48
C PRO A 44 -9.60 5.30 19.10
N GLY A 45 -9.05 4.50 18.17
CA GLY A 45 -9.72 3.28 17.71
C GLY A 45 -10.85 3.53 16.73
N GLU A 46 -10.92 4.76 16.21
CA GLU A 46 -11.94 5.12 15.22
C GLU A 46 -11.27 5.63 13.94
N ARG A 47 -12.06 5.73 12.88
CA ARG A 47 -11.59 6.26 11.61
C ARG A 47 -12.58 7.28 11.05
N GLN A 48 -12.08 8.15 10.17
CA GLN A 48 -12.88 9.25 9.64
C GLN A 48 -12.49 9.55 8.19
N LEU A 49 -13.49 9.68 7.33
CA LEU A 49 -13.27 10.12 5.95
C LEU A 49 -13.09 11.64 5.94
N ILE A 50 -11.92 12.07 5.48
CA ILE A 50 -11.54 13.48 5.45
C ILE A 50 -11.64 14.00 4.02
N LYS A 51 -12.56 14.94 3.80
CA LYS A 51 -12.77 15.52 2.48
C LYS A 51 -11.70 16.55 2.14
N THR A 52 -11.14 16.43 0.94
CA THR A 52 -10.17 17.40 0.43
C THR A 52 -10.85 18.51 -0.38
N ASP A 53 -12.06 18.24 -0.87
CA ASP A 53 -12.77 19.10 -1.82
C ASP A 53 -11.98 19.28 -3.12
N ILE A 54 -11.16 18.28 -3.43
CA ILE A 54 -10.39 18.22 -4.68
C ILE A 54 -10.85 17.02 -5.51
N SER A 55 -11.22 17.28 -6.75
CA SER A 55 -11.47 16.23 -7.73
C SER A 55 -10.45 16.40 -8.85
N MET A 56 -10.05 15.30 -9.48
CA MET A 56 -9.10 15.38 -10.59
C MET A 56 -9.32 14.33 -11.69
N SER A 57 -8.76 14.62 -12.86
CA SER A 57 -8.72 13.65 -13.96
C SER A 57 -7.35 12.96 -13.98
N MET A 58 -7.32 11.77 -13.38
CA MET A 58 -6.13 10.95 -13.20
C MET A 58 -5.48 10.58 -14.54
N PRO A 59 -4.14 10.47 -14.58
CA PRO A 59 -3.50 10.10 -15.85
C PRO A 59 -3.79 8.64 -16.24
N LYS A 60 -3.61 8.33 -17.52
CA LYS A 60 -3.87 6.98 -18.04
C LYS A 60 -2.89 5.95 -17.48
N PHE A 61 -3.37 4.73 -17.31
CA PHE A 61 -2.57 3.60 -16.81
C PHE A 61 -1.90 3.90 -15.48
N CYS A 62 -2.71 4.48 -14.59
CA CYS A 62 -2.24 5.00 -13.32
C CYS A 62 -3.40 4.93 -12.33
N TYR A 63 -3.07 4.84 -11.05
CA TYR A 63 -4.02 5.19 -10.01
C TYR A 63 -3.31 6.08 -9.00
N GLY A 64 -4.08 6.93 -8.33
CA GLY A 64 -3.53 7.75 -7.24
C GLY A 64 -3.66 7.00 -5.93
N ARG A 65 -2.52 6.69 -5.32
CA ARG A 65 -2.52 6.06 -4.00
C ARG A 65 -2.49 7.13 -2.92
N ILE A 66 -3.50 7.12 -2.05
CA ILE A 66 -3.49 7.94 -0.85
C ILE A 66 -2.53 7.29 0.12
N ALA A 67 -1.36 7.89 0.29
CA ALA A 67 -0.27 7.29 1.04
C ALA A 67 0.03 8.05 2.33
N PRO A 68 0.50 7.36 3.37
CA PRO A 68 0.77 8.03 4.65
C PRO A 68 2.00 8.95 4.64
N ARG A 69 1.88 10.06 5.38
CA ARG A 69 3.03 10.85 5.79
C ARG A 69 3.69 10.09 6.96
N SER A 70 5.01 10.05 6.98
CA SER A 70 5.71 9.27 8.02
C SER A 70 5.48 9.83 9.42
N GLY A 71 5.41 11.16 9.53
CA GLY A 71 5.19 11.84 10.81
C GLY A 71 3.88 11.45 11.48
N LEU A 72 2.83 11.35 10.68
CA LEU A 72 1.53 10.92 11.18
C LEU A 72 1.50 9.43 11.49
N SER A 73 2.14 8.63 10.63
CA SER A 73 2.26 7.19 10.89
C SER A 73 2.95 6.90 12.22
N LEU A 74 3.99 7.67 12.56
CA LEU A 74 4.69 7.51 13.83
C LEU A 74 3.80 7.90 15.02
N LYS A 75 2.76 8.68 14.76
CA LYS A 75 1.80 9.08 15.78
C LYS A 75 0.63 8.09 15.90
N GLY A 76 0.67 7.04 15.09
CA GLY A 76 -0.37 6.00 15.09
C GLY A 76 -1.51 6.27 14.13
N ILE A 77 -1.33 7.25 13.24
CA ILE A 77 -2.35 7.57 12.24
C ILE A 77 -2.03 6.84 10.93
N ASP A 78 -2.93 5.93 10.55
CA ASP A 78 -2.77 5.12 9.36
C ASP A 78 -3.82 5.50 8.30
N ILE A 79 -3.63 5.00 7.08
CA ILE A 79 -4.54 5.30 5.96
C ILE A 79 -5.38 4.08 5.58
N GLY A 80 -6.71 4.25 5.60
CA GLY A 80 -7.63 3.23 5.11
C GLY A 80 -7.96 3.46 3.64
N GLY A 81 -8.42 2.41 2.97
CA GLY A 81 -8.75 2.48 1.53
C GLY A 81 -7.58 3.02 0.72
N GLY A 82 -7.82 4.12 0.01
CA GLY A 82 -6.75 4.91 -0.60
C GLY A 82 -6.50 4.73 -2.09
N VAL A 83 -7.37 3.98 -2.77
CA VAL A 83 -7.21 3.75 -4.20
C VAL A 83 -8.08 4.75 -4.99
N ILE A 84 -7.43 5.72 -5.62
CA ILE A 84 -8.13 6.63 -6.51
C ILE A 84 -7.93 6.22 -7.97
N ASP A 85 -8.94 5.57 -8.54
CA ASP A 85 -8.89 5.08 -9.92
C ASP A 85 -8.99 6.23 -10.94
N GLU A 86 -8.52 5.97 -12.16
CA GLU A 86 -8.56 7.00 -13.20
C GLU A 86 -9.98 7.37 -13.66
N ASP A 87 -10.97 6.54 -13.33
CA ASP A 87 -12.37 6.85 -13.64
C ASP A 87 -13.06 7.77 -12.62
N TYR A 88 -12.41 8.01 -11.48
CA TYR A 88 -13.03 8.78 -10.39
C TYR A 88 -13.02 10.29 -10.64
N ARG A 89 -14.20 10.90 -10.53
CA ARG A 89 -14.36 12.32 -10.78
C ARG A 89 -14.93 13.04 -9.56
N GLY A 90 -15.07 12.30 -8.46
CA GLY A 90 -15.63 12.84 -7.23
C GLY A 90 -14.62 13.45 -6.28
N ASN A 91 -15.10 13.82 -5.10
CA ASN A 91 -14.29 14.41 -4.04
C ASN A 91 -13.32 13.37 -3.47
N ILE A 92 -12.02 13.66 -3.58
CA ILE A 92 -11.01 12.74 -3.04
C ILE A 92 -11.04 12.78 -1.51
N GLY A 93 -11.36 11.64 -0.90
CA GLY A 93 -11.44 11.53 0.55
C GLY A 93 -10.31 10.69 1.13
N VAL A 94 -9.73 11.16 2.23
CA VAL A 94 -8.66 10.44 2.92
C VAL A 94 -9.22 9.77 4.18
N ILE A 95 -9.17 8.44 4.22
CA ILE A 95 -9.59 7.71 5.41
C ILE A 95 -8.45 7.67 6.42
N LEU A 96 -8.53 8.55 7.42
CA LEU A 96 -7.57 8.57 8.51
C LEU A 96 -8.03 7.65 9.63
N ILE A 97 -7.17 6.70 10.00
CA ILE A 97 -7.46 5.75 11.07
C ILE A 97 -6.64 6.14 12.29
N ASN A 98 -7.31 6.49 13.37
CA ASN A 98 -6.61 6.82 14.61
C ASN A 98 -6.32 5.55 15.40
N ASN A 99 -5.13 4.99 15.18
CA ASN A 99 -4.66 3.85 15.96
C ASN A 99 -3.71 4.29 17.09
N GLY A 100 -3.73 5.58 17.40
CA GLY A 100 -3.08 6.13 18.59
C GLY A 100 -3.97 6.00 19.81
N LYS A 101 -3.52 6.55 20.93
CA LYS A 101 -4.20 6.38 22.22
C LYS A 101 -5.01 7.61 22.64
N CYS A 102 -4.79 8.73 21.95
CA CYS A 102 -5.51 9.97 22.25
C CYS A 102 -6.31 10.46 21.05
N THR A 103 -7.23 11.39 21.29
CA THR A 103 -8.01 12.00 20.22
C THR A 103 -7.08 12.74 19.26
N PHE A 104 -7.24 12.46 17.97
CA PHE A 104 -6.47 13.13 16.93
C PHE A 104 -7.31 14.20 16.26
N ASN A 105 -6.80 15.44 16.28
CA ASN A 105 -7.51 16.57 15.72
C ASN A 105 -7.02 16.93 14.33
N VAL A 106 -7.98 17.13 13.43
CA VAL A 106 -7.69 17.59 12.07
C VAL A 106 -8.31 18.97 11.88
N ASN A 107 -7.46 19.96 11.60
CA ASN A 107 -7.91 21.31 11.31
C ASN A 107 -7.91 21.56 9.80
N THR A 108 -8.76 22.49 9.36
CA THR A 108 -8.80 22.88 7.96
C THR A 108 -7.43 23.40 7.54
N GLY A 109 -6.90 22.84 6.45
CA GLY A 109 -5.58 23.21 5.95
C GLY A 109 -4.44 22.31 6.39
N ASP A 110 -4.73 21.40 7.32
CA ASP A 110 -3.73 20.44 7.80
C ASP A 110 -3.34 19.45 6.71
N ARG A 111 -2.04 19.17 6.62
CA ARG A 111 -1.52 18.16 5.72
C ARG A 111 -1.83 16.77 6.30
N ILE A 112 -2.54 15.95 5.52
CA ILE A 112 -3.10 14.70 6.03
C ILE A 112 -2.58 13.42 5.35
N ALA A 113 -2.05 13.57 4.13
CA ALA A 113 -1.57 12.43 3.35
C ALA A 113 -0.77 12.92 2.15
N GLN A 114 -0.25 11.97 1.38
CA GLN A 114 0.39 12.29 0.11
C GLN A 114 -0.19 11.44 -1.02
N LEU A 115 -0.49 12.08 -2.15
CA LEU A 115 -1.02 11.36 -3.29
C LEU A 115 0.12 10.95 -4.20
N ILE A 116 0.23 9.66 -4.48
CA ILE A 116 1.27 9.13 -5.36
C ILE A 116 0.63 8.57 -6.62
N TYR A 117 1.11 9.04 -7.78
CA TYR A 117 0.62 8.57 -9.08
C TYR A 117 1.39 7.32 -9.47
N GLN A 118 0.78 6.18 -9.21
CA GLN A 118 1.43 4.89 -9.36
C GLN A 118 1.12 4.25 -10.70
N ARG A 119 2.17 3.83 -11.39
CA ARG A 119 2.04 3.29 -12.73
C ARG A 119 1.59 1.84 -12.70
N ILE A 120 0.56 1.54 -13.48
CA ILE A 120 -0.07 0.23 -13.45
C ILE A 120 -0.36 -0.33 -14.84
N TYR A 121 -0.78 -1.60 -14.86
CA TYR A 121 -1.00 -2.36 -16.07
C TYR A 121 -2.44 -2.88 -16.05
N TYR A 122 -3.11 -2.84 -17.20
CA TYR A 122 -4.47 -3.38 -17.31
C TYR A 122 -4.51 -4.58 -18.28
N PRO A 123 -4.02 -5.75 -17.85
CA PRO A 123 -4.05 -6.90 -18.75
C PRO A 123 -5.45 -7.45 -18.97
N GLU A 124 -5.67 -8.08 -20.12
CA GLU A 124 -6.88 -8.84 -20.31
C GLU A 124 -6.66 -10.17 -19.61
N LEU A 125 -7.68 -10.63 -18.87
CA LEU A 125 -7.58 -11.91 -18.17
C LEU A 125 -8.18 -13.02 -19.00
N GLU A 126 -7.49 -14.15 -19.04
CA GLU A 126 -7.96 -15.30 -19.80
C GLU A 126 -7.92 -16.54 -18.91
N GLU A 127 -9.08 -17.16 -18.69
CA GLU A 127 -9.13 -18.40 -17.94
C GLU A 127 -8.55 -19.54 -18.78
N VAL A 128 -7.64 -20.30 -18.17
CA VAL A 128 -7.06 -21.48 -18.79
C VAL A 128 -7.26 -22.72 -17.89
N GLN A 129 -7.04 -23.91 -18.46
CA GLN A 129 -7.18 -25.16 -17.70
C GLN A 129 -6.07 -25.38 -16.68
N SER A 130 -4.84 -25.03 -17.07
CA SER A 130 -3.67 -25.13 -16.19
C SER A 130 -2.63 -24.11 -16.62
N LEU A 131 -1.79 -23.69 -15.67
CA LEU A 131 -0.73 -22.72 -15.95
C LEU A 131 0.54 -23.42 -16.40
N SER B 8 21.21 1.93 -14.43
CA SER B 8 22.32 2.04 -13.44
C SER B 8 21.93 1.43 -12.10
N PRO B 9 22.83 0.67 -11.47
CA PRO B 9 22.54 0.04 -10.17
C PRO B 9 22.21 1.04 -9.06
N VAL B 10 21.40 0.60 -8.10
CA VAL B 10 21.13 1.41 -6.92
C VAL B 10 22.29 1.23 -5.95
N ARG B 11 22.99 2.32 -5.67
CA ARG B 11 24.06 2.32 -4.67
C ARG B 11 23.47 2.37 -3.27
N PHE B 12 24.02 1.56 -2.37
CA PHE B 12 23.63 1.60 -0.96
C PHE B 12 24.83 1.63 -0.04
N VAL B 13 24.63 2.19 1.16
CA VAL B 13 25.68 2.26 2.17
C VAL B 13 25.21 1.53 3.43
N LYS B 14 26.11 0.76 4.05
CA LYS B 14 25.88 0.20 5.37
C LYS B 14 26.36 1.20 6.40
N GLU B 15 25.43 1.75 7.18
CA GLU B 15 25.78 2.72 8.24
C GLU B 15 26.63 2.09 9.34
N THR B 16 26.32 0.84 9.67
CA THR B 16 27.13 0.06 10.61
C THR B 16 27.32 -1.36 10.07
N ASN B 17 28.17 -2.15 10.72
CA ASN B 17 28.36 -3.55 10.33
C ASN B 17 27.22 -4.48 10.74
N ARG B 18 26.22 -3.91 11.42
CA ARG B 18 25.01 -4.64 11.80
C ARG B 18 24.02 -4.72 10.63
N ALA B 19 24.23 -3.87 9.63
CA ALA B 19 23.40 -3.84 8.43
C ALA B 19 23.61 -5.07 7.55
N LYS B 20 22.52 -5.52 6.92
CA LYS B 20 22.58 -6.62 5.95
C LYS B 20 22.09 -6.12 4.60
N SER B 21 22.83 -6.47 3.55
CA SER B 21 22.50 -6.08 2.19
C SER B 21 21.13 -6.63 1.77
N PRO B 22 20.25 -5.75 1.26
CA PRO B 22 18.96 -6.18 0.72
C PRO B 22 19.13 -7.07 -0.50
N THR B 23 18.44 -8.21 -0.49
CA THR B 23 18.51 -9.20 -1.57
C THR B 23 17.10 -9.64 -1.97
N ARG B 24 16.92 -10.01 -3.24
CA ARG B 24 15.67 -10.65 -3.67
C ARG B 24 15.76 -12.16 -3.50
N GLN B 25 14.72 -12.75 -2.93
CA GLN B 25 14.64 -14.20 -2.67
C GLN B 25 14.75 -15.04 -3.94
N SER B 26 14.12 -14.57 -5.01
CA SER B 26 14.03 -15.28 -6.28
C SER B 26 13.96 -14.28 -7.45
N PRO B 27 14.25 -14.73 -8.69
CA PRO B 27 14.17 -13.81 -9.83
C PRO B 27 12.77 -13.21 -10.10
N GLY B 28 11.73 -13.80 -9.48
CA GLY B 28 10.36 -13.30 -9.62
C GLY B 28 9.80 -12.68 -8.36
N ALA B 29 10.67 -12.40 -7.39
CA ALA B 29 10.26 -11.75 -6.15
C ALA B 29 10.01 -10.25 -6.37
N ALA B 30 8.91 -9.74 -5.82
CA ALA B 30 8.58 -8.33 -5.96
C ALA B 30 9.56 -7.41 -5.24
N GLY B 31 10.07 -7.88 -4.10
CA GLY B 31 10.79 -7.00 -3.18
C GLY B 31 12.15 -7.49 -2.70
N TYR B 32 12.92 -6.55 -2.18
CA TYR B 32 14.25 -6.80 -1.64
C TYR B 32 14.15 -6.89 -0.12
N ASP B 33 14.64 -8.00 0.44
CA ASP B 33 14.53 -8.26 1.87
C ASP B 33 15.16 -7.16 2.70
N LEU B 34 14.44 -6.69 3.71
CA LEU B 34 14.97 -5.73 4.68
C LEU B 34 15.08 -6.39 6.04
N TYR B 35 16.16 -6.09 6.75
CA TYR B 35 16.49 -6.74 8.01
C TYR B 35 16.66 -5.71 9.10
N SER B 36 16.30 -6.09 10.33
CA SER B 36 16.57 -5.23 11.48
C SER B 36 18.05 -5.22 11.84
N ALA B 37 18.58 -4.02 12.09
CA ALA B 37 19.97 -3.88 12.50
C ALA B 37 20.13 -3.96 14.03
N TYR B 38 19.00 -3.97 14.74
CA TYR B 38 19.01 -3.96 16.22
C TYR B 38 17.93 -4.85 16.82
N ASP B 39 18.00 -5.04 18.14
CA ASP B 39 16.97 -5.75 18.89
C ASP B 39 15.85 -4.78 19.24
N TYR B 40 14.61 -5.25 19.11
CA TYR B 40 13.43 -4.46 19.49
C TYR B 40 12.38 -5.33 20.16
N THR B 41 11.56 -4.70 21.00
CA THR B 41 10.42 -5.36 21.62
C THR B 41 9.20 -4.47 21.45
N ILE B 42 8.17 -5.00 20.78
CA ILE B 42 6.96 -4.21 20.49
C ILE B 42 5.77 -4.76 21.26
N PRO B 43 5.19 -3.95 22.17
CA PRO B 43 3.97 -4.36 22.89
C PRO B 43 2.80 -4.49 21.92
N PRO B 44 1.80 -5.32 22.27
CA PRO B 44 0.57 -5.39 21.47
C PRO B 44 -0.14 -4.04 21.42
N GLY B 45 -0.65 -3.68 20.24
CA GLY B 45 -1.30 -2.38 20.03
C GLY B 45 -0.36 -1.20 19.99
N GLU B 46 0.92 -1.47 19.76
CA GLU B 46 1.94 -0.42 19.63
C GLU B 46 2.74 -0.63 18.34
N ARG B 47 3.59 0.34 18.02
CA ARG B 47 4.46 0.26 16.85
C ARG B 47 5.86 0.74 17.19
N GLN B 48 6.81 0.42 16.31
CA GLN B 48 8.21 0.75 16.54
C GLN B 48 8.89 1.04 15.19
N LEU B 49 9.65 2.13 15.14
CA LEU B 49 10.52 2.39 14.01
C LEU B 49 11.77 1.52 14.13
N ILE B 50 11.93 0.61 13.17
CA ILE B 50 13.06 -0.31 13.14
C ILE B 50 14.12 0.19 12.15
N LYS B 51 15.33 0.43 12.63
CA LYS B 51 16.43 0.88 11.76
C LYS B 51 17.05 -0.31 11.02
N THR B 52 17.26 -0.14 9.72
CA THR B 52 17.94 -1.15 8.90
C THR B 52 19.44 -0.86 8.81
N ASP B 53 19.81 0.39 9.08
CA ASP B 53 21.18 0.89 8.89
C ASP B 53 21.62 0.82 7.43
N ILE B 54 20.65 0.87 6.52
CA ILE B 54 20.90 0.91 5.08
C ILE B 54 20.39 2.24 4.54
N SER B 55 21.26 2.94 3.80
CA SER B 55 20.86 4.15 3.06
C SER B 55 21.04 3.89 1.57
N MET B 56 20.19 4.50 0.75
CA MET B 56 20.19 4.26 -0.69
C MET B 56 20.17 5.53 -1.53
N SER B 57 20.82 5.45 -2.69
CA SER B 57 20.63 6.42 -3.76
C SER B 57 19.52 5.83 -4.64
N MET B 58 18.29 6.28 -4.36
CA MET B 58 17.09 5.70 -4.95
C MET B 58 16.97 5.97 -6.45
N PRO B 59 16.40 5.02 -7.21
CA PRO B 59 16.28 5.16 -8.67
C PRO B 59 15.25 6.22 -9.07
N LYS B 60 15.42 6.77 -10.28
CA LYS B 60 14.57 7.84 -10.79
C LYS B 60 13.15 7.36 -11.12
N PHE B 61 12.17 8.24 -10.91
CA PHE B 61 10.76 7.98 -11.22
C PHE B 61 10.22 6.74 -10.52
N CYS B 62 10.63 6.61 -9.27
CA CYS B 62 10.33 5.48 -8.43
C CYS B 62 10.21 5.96 -6.99
N TYR B 63 9.47 5.22 -6.18
CA TYR B 63 9.67 5.26 -4.73
C TYR B 63 9.80 3.84 -4.19
N GLY B 64 10.50 3.70 -3.07
CA GLY B 64 10.62 2.41 -2.41
C GLY B 64 9.47 2.24 -1.43
N ARG B 65 8.64 1.24 -1.65
CA ARG B 65 7.57 0.91 -0.71
C ARG B 65 8.06 -0.14 0.28
N ILE B 66 8.03 0.20 1.57
CA ILE B 66 8.23 -0.77 2.64
C ILE B 66 6.96 -1.60 2.70
N ALA B 67 7.07 -2.86 2.25
CA ALA B 67 5.93 -3.73 2.12
C ALA B 67 6.03 -4.91 3.09
N PRO B 68 4.87 -5.43 3.54
CA PRO B 68 4.87 -6.54 4.48
C PRO B 68 5.32 -7.89 3.91
N ARG B 69 5.93 -8.71 4.76
CA ARG B 69 6.11 -10.13 4.49
C ARG B 69 4.85 -10.84 4.96
N SER B 70 4.37 -11.80 4.16
CA SER B 70 3.08 -12.45 4.41
C SER B 70 3.02 -13.20 5.76
N GLY B 71 4.11 -13.87 6.12
CA GLY B 71 4.19 -14.61 7.38
C GLY B 71 3.97 -13.73 8.60
N LEU B 72 4.58 -12.55 8.61
CA LEU B 72 4.43 -11.60 9.70
C LEU B 72 3.03 -10.99 9.72
N SER B 73 2.49 -10.73 8.53
CA SER B 73 1.13 -10.23 8.40
C SER B 73 0.10 -11.19 9.00
N LEU B 74 0.27 -12.48 8.75
CA LEU B 74 -0.64 -13.50 9.27
C LEU B 74 -0.57 -13.59 10.79
N LYS B 75 0.55 -13.17 11.35
CA LYS B 75 0.79 -13.15 12.80
C LYS B 75 0.32 -11.85 13.45
N GLY B 76 -0.21 -10.94 12.64
CA GLY B 76 -0.75 -9.67 13.13
C GLY B 76 0.20 -8.49 13.07
N ILE B 77 1.35 -8.68 12.43
CA ILE B 77 2.34 -7.61 12.29
C ILE B 77 2.15 -6.87 10.97
N ASP B 78 1.85 -5.57 11.06
CA ASP B 78 1.55 -4.75 9.89
C ASP B 78 2.61 -3.66 9.70
N ILE B 79 2.58 -3.01 8.54
CA ILE B 79 3.55 -1.96 8.21
C ILE B 79 2.89 -0.58 8.25
N GLY B 80 3.51 0.34 8.99
CA GLY B 80 3.11 1.74 8.98
C GLY B 80 3.98 2.58 8.08
N GLY B 81 3.50 3.77 7.70
CA GLY B 81 4.25 4.64 6.79
C GLY B 81 4.68 3.90 5.53
N GLY B 82 6.00 3.87 5.29
CA GLY B 82 6.57 3.03 4.25
C GLY B 82 6.91 3.67 2.90
N VAL B 83 6.76 4.98 2.79
CA VAL B 83 7.11 5.68 1.56
C VAL B 83 8.56 6.19 1.62
N ILE B 84 9.44 5.51 0.89
CA ILE B 84 10.83 5.95 0.76
C ILE B 84 10.97 6.76 -0.53
N ASP B 85 10.96 8.08 -0.39
CA ASP B 85 11.07 9.02 -1.49
C ASP B 85 12.38 8.87 -2.25
N GLU B 86 12.32 9.20 -3.54
CA GLU B 86 13.49 9.20 -4.41
C GLU B 86 14.66 10.00 -3.82
N ASP B 87 14.35 11.10 -3.14
CA ASP B 87 15.38 11.99 -2.60
C ASP B 87 15.90 11.62 -1.21
N TYR B 88 15.40 10.52 -0.65
CA TYR B 88 15.81 10.08 0.69
C TYR B 88 17.18 9.41 0.69
N ARG B 89 18.10 10.02 1.43
CA ARG B 89 19.47 9.50 1.54
C ARG B 89 19.80 9.07 2.98
N GLY B 90 18.77 8.99 3.82
CA GLY B 90 18.95 8.61 5.21
C GLY B 90 18.83 7.12 5.48
N ASN B 91 18.97 6.76 6.75
CA ASN B 91 18.74 5.41 7.26
C ASN B 91 17.29 4.98 7.02
N ILE B 92 17.12 3.92 6.22
CA ILE B 92 15.78 3.41 5.93
C ILE B 92 15.18 2.72 7.16
N GLY B 93 14.03 3.24 7.60
CA GLY B 93 13.34 2.71 8.76
C GLY B 93 12.08 1.96 8.40
N VAL B 94 11.81 0.88 9.13
CA VAL B 94 10.61 0.09 8.94
C VAL B 94 9.70 0.31 10.16
N ILE B 95 8.49 0.79 9.93
CA ILE B 95 7.52 0.93 11.02
C ILE B 95 6.72 -0.36 11.13
N LEU B 96 7.11 -1.21 12.08
CA LEU B 96 6.37 -2.43 12.38
C LEU B 96 5.29 -2.13 13.41
N ILE B 97 4.06 -2.48 13.08
CA ILE B 97 2.93 -2.34 14.00
C ILE B 97 2.53 -3.71 14.52
N ASN B 98 2.55 -3.86 15.84
CA ASN B 98 2.13 -5.11 16.46
C ASN B 98 0.64 -5.12 16.73
N ASN B 99 -0.11 -5.68 15.77
CA ASN B 99 -1.55 -5.86 15.95
C ASN B 99 -1.90 -7.30 16.34
N GLY B 100 -0.89 -8.03 16.81
CA GLY B 100 -1.09 -9.32 17.47
C GLY B 100 -1.51 -9.13 18.92
N LYS B 101 -1.70 -10.24 19.62
CA LYS B 101 -2.15 -10.21 21.02
C LYS B 101 -1.01 -10.33 22.03
N CYS B 102 0.16 -10.77 21.56
CA CYS B 102 1.31 -10.96 22.43
C CYS B 102 2.46 -10.02 22.08
N THR B 103 3.38 -9.83 23.03
CA THR B 103 4.59 -9.06 22.80
C THR B 103 5.36 -9.63 21.61
N PHE B 104 5.81 -8.75 20.72
CA PHE B 104 6.56 -9.19 19.53
C PHE B 104 8.04 -8.86 19.61
N ASN B 105 8.86 -9.89 19.52
CA ASN B 105 10.31 -9.76 19.58
C ASN B 105 10.95 -9.60 18.20
N VAL B 106 11.82 -8.60 18.06
CA VAL B 106 12.68 -8.45 16.89
C VAL B 106 14.14 -8.64 17.31
N ASN B 107 14.81 -9.59 16.67
CA ASN B 107 16.24 -9.82 16.90
C ASN B 107 17.06 -9.21 15.78
N THR B 108 18.23 -8.67 16.13
CA THR B 108 19.17 -8.18 15.13
C THR B 108 19.36 -9.24 14.02
N GLY B 109 19.18 -8.82 12.76
CA GLY B 109 19.33 -9.72 11.63
C GLY B 109 18.03 -10.31 11.09
N ASP B 110 16.94 -10.16 11.83
CA ASP B 110 15.62 -10.70 11.43
C ASP B 110 15.07 -10.02 10.18
N ARG B 111 14.51 -10.83 9.27
CA ARG B 111 13.82 -10.31 8.10
C ARG B 111 12.48 -9.71 8.57
N ILE B 112 12.27 -8.42 8.26
CA ILE B 112 11.16 -7.66 8.84
C ILE B 112 10.18 -7.07 7.82
N ALA B 113 10.62 -6.99 6.56
CA ALA B 113 9.84 -6.37 5.50
C ALA B 113 10.53 -6.59 4.16
N GLN B 114 9.94 -6.04 3.10
CA GLN B 114 10.56 -6.06 1.79
C GLN B 114 10.44 -4.69 1.14
N LEU B 115 11.47 -4.28 0.41
CA LEU B 115 11.44 -3.02 -0.32
C LEU B 115 11.08 -3.27 -1.77
N ILE B 116 10.00 -2.62 -2.23
CA ILE B 116 9.58 -2.74 -3.62
C ILE B 116 9.83 -1.41 -4.33
N TYR B 117 10.57 -1.47 -5.43
CA TYR B 117 10.83 -0.28 -6.23
C TYR B 117 9.66 -0.02 -7.17
N GLN B 118 8.76 0.86 -6.73
CA GLN B 118 7.50 1.09 -7.41
C GLN B 118 7.57 2.25 -8.40
N ARG B 119 7.21 1.98 -9.65
CA ARG B 119 7.28 2.99 -10.71
C ARG B 119 6.15 3.99 -10.61
N ILE B 120 6.51 5.27 -10.70
CA ILE B 120 5.55 6.36 -10.54
C ILE B 120 5.69 7.46 -11.59
N TYR B 121 4.67 8.31 -11.68
CA TYR B 121 4.69 9.51 -12.50
C TYR B 121 4.74 10.76 -11.64
N TYR B 122 5.37 11.81 -12.16
CA TYR B 122 5.34 13.13 -11.54
C TYR B 122 4.66 14.09 -12.51
N PRO B 123 3.32 14.06 -12.57
CA PRO B 123 2.64 14.92 -13.54
C PRO B 123 2.59 16.37 -13.07
N GLU B 124 2.36 17.26 -14.02
CA GLU B 124 2.01 18.65 -13.71
C GLU B 124 0.56 18.68 -13.26
N LEU B 125 0.25 19.59 -12.35
CA LEU B 125 -1.13 19.82 -11.96
C LEU B 125 -1.62 21.17 -12.52
N GLU B 126 -2.86 21.18 -12.99
CA GLU B 126 -3.47 22.39 -13.53
C GLU B 126 -4.89 22.52 -13.00
N GLU B 127 -5.16 23.62 -12.31
CA GLU B 127 -6.53 23.87 -11.82
C GLU B 127 -7.43 24.33 -12.96
N VAL B 128 -8.62 23.73 -13.02
CA VAL B 128 -9.64 24.10 -14.02
C VAL B 128 -11.00 24.32 -13.37
N GLN B 129 -11.92 24.90 -14.13
CA GLN B 129 -13.31 25.08 -13.68
C GLN B 129 -14.10 23.77 -13.74
N SER B 130 -13.79 22.95 -14.75
CA SER B 130 -14.48 21.67 -14.98
C SER B 130 -13.56 20.61 -15.55
N LEU B 131 -13.67 19.39 -15.04
CA LEU B 131 -12.93 18.24 -15.57
C LEU B 131 -13.53 17.74 -16.89
N ASN C 7 0.21 -6.16 -22.77
CA ASN C 7 -0.04 -6.50 -24.20
C ASN C 7 -0.72 -7.86 -24.36
N SER C 8 -0.02 -8.93 -23.98
CA SER C 8 -0.58 -10.29 -24.02
C SER C 8 -1.40 -10.57 -22.73
N PRO C 9 -2.36 -11.51 -22.81
CA PRO C 9 -3.25 -11.74 -21.66
C PRO C 9 -2.57 -12.40 -20.45
N VAL C 10 -3.08 -12.08 -19.26
CA VAL C 10 -2.67 -12.76 -18.04
C VAL C 10 -3.58 -13.97 -17.84
N ARG C 11 -2.97 -15.14 -17.84
CA ARG C 11 -3.71 -16.40 -17.74
C ARG C 11 -3.96 -16.71 -16.26
N PHE C 12 -5.14 -17.25 -15.99
CA PHE C 12 -5.51 -17.62 -14.62
C PHE C 12 -6.29 -18.93 -14.58
N VAL C 13 -6.26 -19.58 -13.42
CA VAL C 13 -6.91 -20.86 -13.22
C VAL C 13 -7.88 -20.78 -12.03
N LYS C 14 -9.09 -21.31 -12.24
CA LYS C 14 -10.04 -21.53 -11.16
C LYS C 14 -9.74 -22.90 -10.57
N GLU C 15 -9.23 -22.93 -9.35
CA GLU C 15 -8.80 -24.18 -8.74
C GLU C 15 -9.97 -25.05 -8.30
N THR C 16 -11.08 -24.41 -7.95
CA THR C 16 -12.34 -25.11 -7.73
C THR C 16 -13.46 -24.38 -8.47
N ASN C 17 -14.64 -24.99 -8.50
CA ASN C 17 -15.84 -24.38 -9.08
C ASN C 17 -16.36 -23.17 -8.29
N ARG C 18 -15.79 -22.96 -7.10
CA ARG C 18 -16.21 -21.87 -6.22
C ARG C 18 -15.53 -20.55 -6.53
N ALA C 19 -14.47 -20.60 -7.34
CA ALA C 19 -13.73 -19.40 -7.72
C ALA C 19 -14.56 -18.57 -8.70
N LYS C 20 -14.49 -17.25 -8.53
CA LYS C 20 -15.09 -16.31 -9.48
C LYS C 20 -13.98 -15.59 -10.21
N SER C 21 -14.12 -15.52 -11.53
CA SER C 21 -13.16 -14.80 -12.38
C SER C 21 -13.02 -13.36 -11.89
N PRO C 22 -11.75 -12.92 -11.67
CA PRO C 22 -11.54 -11.51 -11.34
C PRO C 22 -12.06 -10.58 -12.43
N THR C 23 -12.73 -9.52 -12.00
CA THR C 23 -13.45 -8.65 -12.92
C THR C 23 -12.93 -7.21 -12.89
N ARG C 24 -13.04 -6.55 -14.03
CA ARG C 24 -12.78 -5.12 -14.14
C ARG C 24 -14.08 -4.37 -13.86
N GLN C 25 -14.10 -3.56 -12.81
CA GLN C 25 -15.31 -2.82 -12.45
C GLN C 25 -15.74 -1.82 -13.55
N SER C 26 -14.74 -1.13 -14.10
CA SER C 26 -14.93 -0.13 -15.15
C SER C 26 -13.62 -0.04 -15.93
N PRO C 27 -13.65 0.51 -17.16
CA PRO C 27 -12.45 0.58 -18.02
C PRO C 27 -11.28 1.35 -17.43
N GLY C 28 -11.53 2.26 -16.49
CA GLY C 28 -10.47 2.98 -15.79
C GLY C 28 -10.32 2.64 -14.32
N ALA C 29 -10.81 1.47 -13.92
CA ALA C 29 -10.63 0.96 -12.56
C ALA C 29 -9.14 0.69 -12.34
N ALA C 30 -8.70 0.70 -11.09
CA ALA C 30 -7.28 0.47 -10.79
C ALA C 30 -6.85 -0.97 -11.05
N GLY C 31 -7.76 -1.92 -10.86
CA GLY C 31 -7.40 -3.32 -10.99
C GLY C 31 -8.56 -4.27 -11.15
N TYR C 32 -8.47 -5.40 -10.43
CA TYR C 32 -9.29 -6.57 -10.70
C TYR C 32 -9.89 -7.09 -9.40
N ASP C 33 -11.21 -7.12 -9.34
CA ASP C 33 -11.88 -7.50 -8.10
C ASP C 33 -11.78 -8.98 -7.80
N LEU C 34 -11.47 -9.26 -6.54
CA LEU C 34 -11.35 -10.63 -6.05
C LEU C 34 -12.54 -10.95 -5.17
N TYR C 35 -12.94 -12.23 -5.19
CA TYR C 35 -14.13 -12.68 -4.49
C TYR C 35 -13.79 -13.86 -3.58
N SER C 36 -14.45 -13.92 -2.43
CA SER C 36 -14.30 -15.06 -1.54
C SER C 36 -14.86 -16.32 -2.16
N ALA C 37 -14.11 -17.42 -2.04
CA ALA C 37 -14.58 -18.71 -2.51
C ALA C 37 -15.25 -19.52 -1.39
N TYR C 38 -15.19 -19.00 -0.16
CA TYR C 38 -15.74 -19.70 1.01
C TYR C 38 -16.48 -18.78 1.97
N ASP C 39 -17.12 -19.38 2.98
CA ASP C 39 -17.87 -18.64 3.97
C ASP C 39 -17.05 -18.49 5.24
N TYR C 40 -16.92 -17.26 5.72
CA TYR C 40 -16.15 -16.95 6.92
C TYR C 40 -16.90 -16.01 7.85
N THR C 41 -16.53 -16.05 9.13
CA THR C 41 -16.96 -15.07 10.12
C THR C 41 -15.70 -14.56 10.84
N ILE C 42 -15.50 -13.25 10.81
CA ILE C 42 -14.31 -12.64 11.40
C ILE C 42 -14.68 -11.80 12.63
N PRO C 43 -14.32 -12.28 13.83
CA PRO C 43 -14.59 -11.52 15.05
C PRO C 43 -13.85 -10.18 15.07
N PRO C 44 -14.35 -9.19 15.84
CA PRO C 44 -13.65 -7.92 15.96
C PRO C 44 -12.25 -8.11 16.55
N GLY C 45 -11.27 -7.40 16.00
CA GLY C 45 -9.90 -7.48 16.48
C GLY C 45 -9.17 -8.75 16.05
N GLU C 46 -9.71 -9.40 15.02
CA GLU C 46 -9.13 -10.61 14.46
C GLU C 46 -8.94 -10.43 12.95
N ARG C 47 -8.12 -11.30 12.35
CA ARG C 47 -7.91 -11.30 10.91
C ARG C 47 -8.05 -12.71 10.35
N GLN C 48 -8.34 -12.80 9.05
CA GLN C 48 -8.60 -14.09 8.42
C GLN C 48 -8.05 -14.13 7.00
N LEU C 49 -7.32 -15.21 6.69
CA LEU C 49 -6.90 -15.46 5.32
C LEU C 49 -8.09 -16.01 4.53
N ILE C 50 -8.53 -15.22 3.55
CA ILE C 50 -9.68 -15.56 2.72
C ILE C 50 -9.18 -16.13 1.40
N LYS C 51 -9.58 -17.36 1.09
CA LYS C 51 -9.15 -18.03 -0.14
C LYS C 51 -10.02 -17.60 -1.33
N THR C 52 -9.38 -17.34 -2.47
CA THR C 52 -10.10 -17.00 -3.70
C THR C 52 -10.21 -18.20 -4.63
N ASP C 53 -9.33 -19.19 -4.44
CA ASP C 53 -9.22 -20.36 -5.31
C ASP C 53 -8.81 -19.97 -6.74
N ILE C 54 -8.15 -18.82 -6.86
CA ILE C 54 -7.64 -18.32 -8.13
C ILE C 54 -6.12 -18.31 -8.10
N SER C 55 -5.51 -18.90 -9.12
CA SER C 55 -4.07 -18.77 -9.34
C SER C 55 -3.84 -18.10 -10.67
N MET C 56 -2.74 -17.36 -10.79
CA MET C 56 -2.43 -16.71 -12.06
C MET C 56 -0.96 -16.78 -12.45
N SER C 57 -0.71 -16.73 -13.76
CA SER C 57 0.62 -16.53 -14.28
C SER C 57 0.80 -15.01 -14.37
N MET C 58 1.41 -14.46 -13.33
CA MET C 58 1.56 -13.02 -13.15
C MET C 58 2.45 -12.37 -14.24
N PRO C 59 2.10 -11.14 -14.65
CA PRO C 59 2.86 -10.40 -15.67
C PRO C 59 4.26 -10.02 -15.20
N LYS C 60 5.18 -9.93 -16.15
CA LYS C 60 6.58 -9.59 -15.84
C LYS C 60 6.74 -8.12 -15.41
N PHE C 61 7.69 -7.90 -14.51
CA PHE C 61 8.03 -6.57 -13.99
C PHE C 61 6.85 -5.85 -13.31
N CYS C 62 5.99 -6.66 -12.70
CA CYS C 62 4.89 -6.19 -11.88
C CYS C 62 4.79 -7.05 -10.63
N TYR C 63 4.04 -6.56 -9.65
CA TYR C 63 3.49 -7.42 -8.62
C TYR C 63 2.01 -7.10 -8.48
N GLY C 64 1.27 -8.04 -7.93
CA GLY C 64 -0.15 -7.83 -7.67
C GLY C 64 -0.30 -7.32 -6.26
N ARG C 65 -0.79 -6.08 -6.13
CA ARG C 65 -1.11 -5.55 -4.82
C ARG C 65 -2.56 -5.86 -4.50
N ILE C 66 -2.79 -6.57 -3.39
CA ILE C 66 -4.13 -6.77 -2.85
C ILE C 66 -4.49 -5.47 -2.13
N ALA C 67 -5.39 -4.70 -2.75
CA ALA C 67 -5.75 -3.38 -2.27
C ALA C 67 -7.19 -3.33 -1.77
N PRO C 68 -7.47 -2.45 -0.79
CA PRO C 68 -8.81 -2.40 -0.21
C PRO C 68 -9.85 -1.69 -1.08
N ARG C 69 -11.08 -2.16 -0.97
CA ARG C 69 -12.23 -1.40 -1.45
C ARG C 69 -12.73 -0.53 -0.30
N SER C 70 -13.04 0.72 -0.60
CA SER C 70 -13.30 1.73 0.42
C SER C 70 -14.55 1.45 1.25
N GLY C 71 -15.54 0.78 0.65
CA GLY C 71 -16.76 0.37 1.34
C GLY C 71 -16.46 -0.49 2.54
N LEU C 72 -15.56 -1.47 2.36
CA LEU C 72 -15.12 -2.34 3.45
C LEU C 72 -14.25 -1.58 4.45
N SER C 73 -13.38 -0.71 3.93
CA SER C 73 -12.48 0.09 4.77
C SER C 73 -13.24 1.00 5.73
N LEU C 74 -14.37 1.54 5.25
CA LEU C 74 -15.19 2.41 6.09
C LEU C 74 -15.97 1.65 7.15
N LYS C 75 -16.11 0.34 6.96
CA LYS C 75 -16.69 -0.55 7.97
C LYS C 75 -15.63 -1.06 8.94
N GLY C 76 -14.39 -0.61 8.75
CA GLY C 76 -13.26 -1.02 9.59
C GLY C 76 -12.49 -2.23 9.10
N ILE C 77 -12.76 -2.66 7.87
CA ILE C 77 -12.07 -3.84 7.30
C ILE C 77 -10.85 -3.43 6.48
N ASP C 78 -9.67 -3.83 6.97
CA ASP C 78 -8.39 -3.47 6.34
C ASP C 78 -7.69 -4.69 5.72
N ILE C 79 -6.69 -4.43 4.87
CA ILE C 79 -5.97 -5.50 4.19
C ILE C 79 -4.59 -5.72 4.81
N GLY C 80 -4.31 -6.96 5.20
CA GLY C 80 -2.97 -7.35 5.66
C GLY C 80 -2.17 -7.96 4.53
N GLY C 81 -0.84 -7.99 4.69
CA GLY C 81 0.04 -8.55 3.65
C GLY C 81 -0.23 -7.87 2.31
N GLY C 82 -0.53 -8.67 1.29
CA GLY C 82 -1.03 -8.16 0.02
C GLY C 82 -0.05 -8.11 -1.14
N VAL C 83 1.16 -8.64 -0.94
CA VAL C 83 2.16 -8.68 -2.03
C VAL C 83 2.12 -10.02 -2.78
N ILE C 84 1.61 -9.99 -4.02
CA ILE C 84 1.57 -11.17 -4.87
C ILE C 84 2.74 -11.08 -5.86
N ASP C 85 3.75 -11.89 -5.59
CA ASP C 85 4.98 -11.90 -6.39
C ASP C 85 4.73 -12.42 -7.80
N GLU C 86 5.51 -11.88 -8.74
CA GLU C 86 5.48 -12.25 -10.15
C GLU C 86 5.60 -13.76 -10.38
N ASP C 87 6.39 -14.43 -9.53
CA ASP C 87 6.61 -15.87 -9.69
C ASP C 87 5.68 -16.75 -8.84
N TYR C 88 4.70 -16.14 -8.20
CA TYR C 88 3.75 -16.89 -7.37
C TYR C 88 2.77 -17.66 -8.24
N ARG C 89 2.72 -18.97 -8.04
CA ARG C 89 1.82 -19.82 -8.81
C ARG C 89 0.74 -20.48 -7.96
N GLY C 90 0.75 -20.17 -6.66
CA GLY C 90 -0.25 -20.73 -5.74
C GLY C 90 -1.57 -20.00 -5.79
N ASN C 91 -2.45 -20.35 -4.87
CA ASN C 91 -3.76 -19.71 -4.79
C ASN C 91 -3.71 -18.39 -4.04
N ILE C 92 -4.32 -17.36 -4.64
CA ILE C 92 -4.25 -16.01 -4.09
C ILE C 92 -5.16 -15.88 -2.87
N GLY C 93 -4.55 -15.45 -1.77
CA GLY C 93 -5.27 -15.22 -0.52
C GLY C 93 -5.36 -13.75 -0.18
N VAL C 94 -6.47 -13.38 0.44
CA VAL C 94 -6.69 -12.01 0.88
C VAL C 94 -6.82 -12.02 2.41
N ILE C 95 -5.90 -11.31 3.07
CA ILE C 95 -5.92 -11.18 4.52
C ILE C 95 -6.85 -10.03 4.88
N LEU C 96 -8.06 -10.35 5.32
CA LEU C 96 -8.99 -9.35 5.82
C LEU C 96 -8.82 -9.14 7.32
N ILE C 97 -8.61 -7.90 7.72
CA ILE C 97 -8.45 -7.55 9.13
C ILE C 97 -9.71 -6.82 9.61
N ASN C 98 -10.42 -7.42 10.56
CA ASN C 98 -11.60 -6.78 11.13
C ASN C 98 -11.22 -5.84 12.26
N ASN C 99 -11.00 -4.57 11.91
CA ASN C 99 -10.75 -3.52 12.88
C ASN C 99 -12.01 -2.75 13.27
N GLY C 100 -13.17 -3.31 12.91
CA GLY C 100 -14.47 -2.79 13.33
C GLY C 100 -14.88 -3.33 14.68
N LYS C 101 -16.05 -2.89 15.17
CA LYS C 101 -16.51 -3.24 16.51
C LYS C 101 -17.38 -4.49 16.56
N CYS C 102 -17.83 -4.95 15.39
CA CYS C 102 -18.74 -6.09 15.31
C CYS C 102 -18.18 -7.17 14.38
N THR C 103 -18.68 -8.39 14.54
CA THR C 103 -18.32 -9.51 13.68
C THR C 103 -18.60 -9.17 12.22
N PHE C 104 -17.63 -9.48 11.36
CA PHE C 104 -17.78 -9.26 9.93
C PHE C 104 -17.94 -10.60 9.22
N ASN C 105 -19.01 -10.70 8.42
CA ASN C 105 -19.32 -11.92 7.71
C ASN C 105 -18.91 -11.86 6.24
N VAL C 106 -18.25 -12.91 5.79
CA VAL C 106 -17.82 -13.04 4.40
C VAL C 106 -18.56 -14.23 3.80
N ASN C 107 -19.37 -13.97 2.78
CA ASN C 107 -20.11 -15.02 2.11
C ASN C 107 -19.41 -15.39 0.79
N THR C 108 -19.49 -16.66 0.42
CA THR C 108 -19.00 -17.11 -0.88
C THR C 108 -19.54 -16.20 -1.98
N GLY C 109 -18.64 -15.66 -2.80
CA GLY C 109 -19.01 -14.78 -3.90
C GLY C 109 -18.92 -13.30 -3.58
N ASP C 110 -18.72 -12.96 -2.31
CA ASP C 110 -18.56 -11.56 -1.89
C ASP C 110 -17.25 -10.96 -2.40
N ARG C 111 -17.35 -9.77 -2.97
CA ARG C 111 -16.18 -8.99 -3.36
C ARG C 111 -15.44 -8.56 -2.09
N ILE C 112 -14.13 -8.82 -2.05
CA ILE C 112 -13.33 -8.62 -0.83
C ILE C 112 -12.12 -7.68 -0.96
N ALA C 113 -11.65 -7.49 -2.20
CA ALA C 113 -10.47 -6.67 -2.47
C ALA C 113 -10.33 -6.44 -3.98
N GLN C 114 -9.42 -5.54 -4.33
CA GLN C 114 -9.07 -5.34 -5.74
C GLN C 114 -7.58 -5.58 -5.95
N LEU C 115 -7.26 -6.43 -6.92
CA LEU C 115 -5.88 -6.75 -7.25
C LEU C 115 -5.41 -5.75 -8.30
N ILE C 116 -4.35 -5.03 -7.97
CA ILE C 116 -3.76 -4.03 -8.87
C ILE C 116 -2.40 -4.54 -9.37
N TYR C 117 -2.23 -4.56 -10.69
CA TYR C 117 -0.94 -4.93 -11.27
C TYR C 117 -0.02 -3.72 -11.31
N GLN C 118 0.86 -3.63 -10.32
CA GLN C 118 1.68 -2.45 -10.11
C GLN C 118 3.04 -2.64 -10.76
N ARG C 119 3.42 -1.70 -11.62
CA ARG C 119 4.69 -1.78 -12.37
C ARG C 119 5.89 -1.48 -11.46
N ILE C 120 6.90 -2.34 -11.52
CA ILE C 120 8.06 -2.23 -10.62
C ILE C 120 9.39 -2.37 -11.35
N TYR C 121 10.47 -2.12 -10.61
N TYR C 121 10.46 -2.01 -10.64
CA TYR C 121 11.83 -2.11 -11.15
CA TYR C 121 11.82 -2.18 -11.14
C TYR C 121 12.70 -3.07 -10.32
C TYR C 121 12.56 -3.23 -10.34
N TYR C 122 13.51 -3.88 -11.01
CA TYR C 122 14.42 -4.81 -10.34
C TYR C 122 15.88 -4.38 -10.55
N PRO C 123 16.31 -3.30 -9.86
CA PRO C 123 17.68 -2.85 -10.06
C PRO C 123 18.70 -3.79 -9.41
N GLU C 124 19.91 -3.78 -9.95
CA GLU C 124 21.03 -4.39 -9.26
C GLU C 124 21.42 -3.46 -8.13
N LEU C 125 21.79 -4.04 -7.00
CA LEU C 125 22.25 -3.27 -5.85
C LEU C 125 23.76 -3.39 -5.72
N GLU C 126 24.42 -2.26 -5.45
CA GLU C 126 25.86 -2.23 -5.29
C GLU C 126 26.24 -1.45 -4.03
N GLU C 127 26.97 -2.10 -3.13
CA GLU C 127 27.42 -1.46 -1.91
C GLU C 127 28.56 -0.49 -2.18
N VAL C 128 28.43 0.72 -1.61
CA VAL C 128 29.47 1.75 -1.71
C VAL C 128 29.84 2.26 -0.31
N GLN C 129 30.99 2.92 -0.22
CA GLN C 129 31.43 3.53 1.03
C GLN C 129 30.66 4.82 1.31
N SER C 130 30.38 5.56 0.24
CA SER C 130 29.69 6.85 0.34
C SER C 130 28.77 7.06 -0.87
N LEU C 131 27.56 7.57 -0.60
CA LEU C 131 26.58 7.82 -1.65
C LEU C 131 26.87 9.10 -2.43
CL CL D . 1.34 0.52 -3.28
N1 UMP E . -12.01 6.90 -2.99
C2 UMP E . -11.65 7.94 -2.14
N3 UMP E . -10.86 7.68 -1.03
C4 UMP E . -10.45 6.40 -0.75
C5 UMP E . -10.82 5.35 -1.58
C6 UMP E . -11.60 5.63 -2.70
O2 UMP E . -12.00 9.10 -2.37
O4 UMP E . -9.75 6.18 0.25
C1' UMP E . -12.86 7.17 -4.18
C2' UMP E . -12.31 6.55 -5.46
C3' UMP E . -13.33 5.51 -5.86
C4' UMP E . -14.56 5.82 -5.02
O3' UMP E . -13.65 5.58 -7.24
O4' UMP E . -14.14 6.63 -3.94
C5' UMP E . -15.25 4.56 -4.51
O5' UMP E . -14.32 3.75 -3.82
P UMP E . -14.52 2.16 -3.71
OP1 UMP E . -14.91 1.60 -5.06
OP2 UMP E . -15.62 1.88 -2.72
OP3 UMP E . -13.24 1.58 -3.26
N1 UMP F . 10.87 6.92 5.90
C2 UMP F . 11.35 5.71 6.41
N3 UMP F . 10.45 4.73 6.78
C4 UMP F . 9.09 4.94 6.64
C5 UMP F . 8.61 6.13 6.13
C6 UMP F . 9.52 7.11 5.76
O2 UMP F . 12.55 5.52 6.53
O4 UMP F . 8.30 4.06 6.97
C1' UMP F . 11.84 7.95 5.50
C2' UMP F . 11.82 8.12 3.98
C3' UMP F . 11.15 9.46 3.75
C4' UMP F . 11.30 10.18 5.07
O3' UMP F . 11.75 10.18 2.71
O4' UMP F . 11.51 9.20 6.07
C5' UMP F . 10.05 10.96 5.39
O5' UMP F . 10.40 12.08 6.17
P UMP F . 9.35 13.29 6.34
OP1 UMP F . 9.37 14.11 5.07
OP2 UMP F . 9.77 14.14 7.53
OP3 UMP F . 7.99 12.75 6.56
N1 UMP G . 0.32 -14.16 -0.76
C2 UMP G . -1.06 -14.13 -0.84
N3 UMP G . -1.78 -13.17 -0.14
C4 UMP G . -1.12 -12.24 0.64
C5 UMP G . 0.27 -12.27 0.73
C6 UMP G . 0.99 -13.23 0.02
O2 UMP G . -1.67 -14.94 -1.54
O4 UMP G . -1.76 -11.39 1.26
C1' UMP G . 1.09 -15.18 -1.52
C2' UMP G . 1.63 -14.49 -2.76
C3' UMP G . 3.11 -14.30 -2.47
C4' UMP G . 3.41 -15.43 -1.50
O3' UMP G . 3.91 -14.41 -3.63
O4' UMP G . 2.21 -15.68 -0.80
C5' UMP G . 4.50 -15.02 -0.52
O5' UMP G . 4.77 -16.14 0.29
P UMP G . 6.01 -16.10 1.32
OP1 UMP G . 5.77 -14.98 2.31
OP2 UMP G . 7.29 -15.83 0.57
OP3 UMP G . 6.07 -17.40 2.03
C1 EDO H . 7.84 -2.00 -15.09
O1 EDO H . 9.25 -2.25 -15.16
C2 EDO H . 7.15 -2.70 -16.24
O2 EDO H . 6.09 -3.51 -15.72
C1 EDO I . 4.01 0.96 -8.70
O1 EDO I . 4.07 -0.16 -7.82
C2 EDO I . 2.61 1.14 -9.23
O2 EDO I . 1.67 1.02 -8.15
#